data_6JB0
#
_entry.id   6JB0
#
_cell.length_a   84.760
_cell.length_b   84.760
_cell.length_c   146.210
_cell.angle_alpha   90.000
_cell.angle_beta   90.000
_cell.angle_gamma   90.000
#
_symmetry.space_group_name_H-M   'P 41 21 2'
#
loop_
_entity.id
_entity.type
_entity.pdbx_description
1 polymer 'ABC transporter, periplasmic substrate-binding protein'
2 branched alpha-D-glucopyranose-(1-1)-alpha-D-glucopyranose
3 non-polymer 'CITRIC ACID'
4 non-polymer 1,2-ETHANEDIOL
5 non-polymer GLYCEROL
6 non-polymer 1,3-PROPANDIOL
7 water water
#
_entity_poly.entity_id   1
_entity_poly.type   'polypeptide(L)'
_entity_poly.pdbx_seq_one_letter_code
;QSGPVIRVAGDSTAVGEGGRWMKEMVEAWGKKTGTRVEYIDSPADTNDRLALYQQYWAARSPDVDVYMIDVIWPGIVAPH
ALDLKPYLTEAELKEFFPRIVQNNTIRGKLTSLPFFTDAGILYYRKDLLEKYGYTSPPRTWNELEQMAERVMEGERRAGN
RDFWGFVFQGKPYEGLTCDALEWIYSHGGGRIVEPDGTISVNNGRAALALNRAHGWVGRIAPQGVTSYAEEEARNVWQQG
NSLFMRNWPYAYALGQAEGSPIRGKFGVTVLPKASADAPNAATLGGAQLMVSAYSRYPKEAVDLVKYLASYEVQKDNAVR
LSRLPTRPALYTDRDVLARNPWFRDLLPVFQNAVSRPSDVAGARYNQVSEAIWTEVHSVLTGRKKGEQAVRDLEARIRRI
LRHHHHHH
;
_entity_poly.pdbx_strand_id   A
#
# COMPACT_ATOMS: atom_id res chain seq x y z
N GLY A 3 36.01 0.02 -8.68
CA GLY A 3 35.39 0.78 -7.55
C GLY A 3 34.30 -0.06 -6.94
N PRO A 4 33.65 0.45 -5.88
CA PRO A 4 32.57 -0.32 -5.28
C PRO A 4 31.42 -0.63 -6.29
N VAL A 5 30.72 -1.74 -6.10
CA VAL A 5 29.46 -1.96 -6.78
C VAL A 5 28.37 -1.80 -5.74
N ILE A 6 27.48 -0.81 -5.96
CA ILE A 6 26.40 -0.56 -4.98
C ILE A 6 25.19 -1.37 -5.45
N ARG A 7 24.66 -2.25 -4.58
CA ARG A 7 23.69 -3.21 -4.98
C ARG A 7 22.39 -2.87 -4.21
N VAL A 8 21.30 -2.84 -4.96
CA VAL A 8 19.98 -2.38 -4.44
C VAL A 8 18.93 -3.47 -4.61
N ALA A 9 18.17 -3.72 -3.53
CA ALA A 9 16.98 -4.56 -3.56
C ALA A 9 15.80 -3.66 -3.18
N GLY A 10 14.84 -3.55 -4.05
CA GLY A 10 13.67 -2.71 -3.67
C GLY A 10 12.67 -2.65 -4.80
N ASP A 11 11.43 -2.86 -4.44
CA ASP A 11 10.32 -2.89 -5.40
C ASP A 11 10.42 -4.15 -6.25
N SER A 12 9.47 -4.33 -7.11
CA SER A 12 9.38 -5.57 -7.87
C SER A 12 8.99 -5.33 -9.31
N THR A 13 9.68 -6.01 -10.27
CA THR A 13 9.25 -5.93 -11.66
C THR A 13 7.91 -6.62 -11.89
N ALA A 14 7.39 -7.31 -10.91
CA ALA A 14 6.08 -7.95 -10.96
C ALA A 14 4.94 -7.07 -10.49
N VAL A 15 5.23 -5.80 -10.10
CA VAL A 15 4.15 -4.89 -9.73
C VAL A 15 4.29 -3.63 -10.53
N GLY A 16 3.41 -3.52 -11.53
CA GLY A 16 3.45 -2.32 -12.38
C GLY A 16 4.82 -2.03 -12.92
N GLU A 17 5.20 -0.74 -12.95
CA GLU A 17 6.47 -0.27 -13.43
C GLU A 17 7.46 -0.05 -12.34
N GLY A 18 7.12 -0.41 -11.07
CA GLY A 18 7.97 -0.06 -10.00
C GLY A 18 9.39 -0.58 -10.06
N GLY A 19 9.52 -1.86 -10.33
CA GLY A 19 10.85 -2.45 -10.38
C GLY A 19 11.64 -1.95 -11.57
N ARG A 20 11.02 -1.78 -12.73
CA ARG A 20 11.72 -1.22 -13.91
CA ARG A 20 11.73 -1.24 -13.90
C ARG A 20 12.18 0.21 -13.65
N TRP A 21 11.30 1.01 -13.09
CA TRP A 21 11.65 2.40 -12.77
C TRP A 21 12.73 2.50 -11.72
N MET A 22 12.66 1.68 -10.69
CA MET A 22 13.65 1.72 -9.63
C MET A 22 15.04 1.42 -10.22
N LYS A 23 15.11 0.38 -11.05
CA LYS A 23 16.37 0.05 -11.69
C LYS A 23 16.89 1.23 -12.53
N GLU A 24 15.99 1.85 -13.26
CA GLU A 24 16.33 3.02 -14.05
C GLU A 24 16.92 4.15 -13.19
N MET A 25 16.29 4.40 -12.06
CA MET A 25 16.74 5.47 -11.20
C MET A 25 18.12 5.16 -10.60
N VAL A 26 18.34 3.89 -10.23
CA VAL A 26 19.61 3.47 -9.63
C VAL A 26 20.68 3.56 -10.74
N GLU A 27 20.36 3.11 -11.94
CA GLU A 27 21.32 3.28 -13.04
C GLU A 27 21.66 4.74 -13.29
N ALA A 28 20.67 5.62 -13.20
CA ALA A 28 20.93 7.04 -13.43
C ALA A 28 21.86 7.61 -12.39
N TRP A 29 21.70 7.23 -11.11
CA TRP A 29 22.62 7.66 -10.10
C TRP A 29 24.05 7.11 -10.41
N GLY A 30 24.13 5.85 -10.79
CA GLY A 30 25.45 5.28 -11.06
C GLY A 30 26.12 6.00 -12.22
N LYS A 31 25.35 6.34 -13.23
CA LYS A 31 25.94 7.11 -14.35
C LYS A 31 26.37 8.52 -13.93
N LYS A 32 25.55 9.22 -13.14
CA LYS A 32 25.81 10.55 -12.68
C LYS A 32 27.06 10.61 -11.83
N THR A 33 27.30 9.59 -11.00
CA THR A 33 28.38 9.62 -10.04
C THR A 33 29.58 8.77 -10.46
N GLY A 34 29.50 8.06 -11.56
CA GLY A 34 30.52 7.11 -11.98
C GLY A 34 30.72 5.96 -11.03
N THR A 35 29.59 5.42 -10.51
CA THR A 35 29.60 4.26 -9.64
C THR A 35 28.92 3.09 -10.25
N ARG A 36 29.57 1.94 -10.20
CA ARG A 36 28.94 0.71 -10.63
C ARG A 36 27.75 0.40 -9.69
N VAL A 37 26.72 -0.11 -10.29
CA VAL A 37 25.47 -0.49 -9.55
C VAL A 37 24.91 -1.79 -10.08
N GLU A 38 24.11 -2.45 -9.24
CA GLU A 38 23.36 -3.61 -9.62
C GLU A 38 22.00 -3.58 -8.89
N TYR A 39 21.02 -4.06 -9.59
CA TYR A 39 19.59 -4.16 -9.11
C TYR A 39 19.22 -5.59 -8.91
N ILE A 40 18.75 -5.92 -7.71
CA ILE A 40 18.28 -7.26 -7.37
C ILE A 40 16.75 -7.16 -7.30
N ASP A 41 16.09 -7.98 -8.07
CA ASP A 41 14.62 -8.01 -8.15
C ASP A 41 14.06 -8.78 -6.94
N SER A 42 12.78 -8.54 -6.71
CA SER A 42 12.05 -9.09 -5.54
C SER A 42 10.71 -9.68 -5.95
N PRO A 43 10.12 -10.55 -5.14
CA PRO A 43 8.77 -11.05 -5.42
C PRO A 43 7.75 -9.94 -5.31
N ALA A 44 6.59 -10.14 -5.85
CA ALA A 44 5.55 -9.12 -5.85
C ALA A 44 5.07 -8.73 -4.45
N ASP A 45 4.78 -9.73 -3.64
CA ASP A 45 4.08 -9.39 -2.35
C ASP A 45 5.06 -8.95 -1.27
N THR A 46 4.74 -7.86 -0.57
CA THR A 46 5.62 -7.30 0.47
C THR A 46 6.01 -8.33 1.50
N ASN A 47 5.09 -9.20 1.95
CA ASN A 47 5.44 -10.21 2.98
C ASN A 47 6.41 -11.24 2.45
N ASP A 48 6.35 -11.55 1.17
CA ASP A 48 7.40 -12.41 0.59
C ASP A 48 8.75 -11.73 0.51
N ARG A 49 8.71 -10.42 0.21
CA ARG A 49 9.96 -9.66 0.19
C ARG A 49 10.63 -9.59 1.57
N LEU A 50 9.82 -9.44 2.62
CA LEU A 50 10.35 -9.39 3.96
C LEU A 50 11.10 -10.67 4.26
N ALA A 51 10.52 -11.80 3.87
CA ALA A 51 11.17 -13.09 4.18
C ALA A 51 12.47 -13.21 3.38
N LEU A 52 12.46 -12.77 2.14
CA LEU A 52 13.68 -12.77 1.33
C LEU A 52 14.75 -11.91 1.91
N TYR A 53 14.42 -10.65 2.23
CA TYR A 53 15.44 -9.77 2.79
C TYR A 53 15.95 -10.24 4.16
N GLN A 54 15.07 -10.86 4.95
CA GLN A 54 15.50 -11.44 6.23
CA GLN A 54 15.49 -11.46 6.23
C GLN A 54 16.60 -12.49 6.04
N GLN A 55 16.61 -13.17 4.90
CA GLN A 55 17.73 -14.12 4.67
C GLN A 55 19.02 -13.38 4.55
N TYR A 56 19.04 -12.24 3.86
CA TYR A 56 20.26 -11.49 3.77
C TYR A 56 20.65 -10.94 5.16
N TRP A 57 19.68 -10.42 5.88
CA TRP A 57 20.00 -9.84 7.19
C TRP A 57 20.50 -10.82 8.21
N ALA A 58 19.88 -11.99 8.22
CA ALA A 58 20.33 -13.04 9.16
C ALA A 58 21.76 -13.36 8.85
N ALA A 59 22.13 -13.43 7.57
CA ALA A 59 23.50 -13.71 7.18
C ALA A 59 24.51 -12.53 7.35
N ARG A 60 24.06 -11.36 7.80
CA ARG A 60 24.86 -10.13 7.82
C ARG A 60 25.47 -9.89 6.44
N SER A 61 24.66 -10.14 5.42
CA SER A 61 25.20 -10.21 4.08
C SER A 61 25.61 -8.83 3.52
N PRO A 62 26.82 -8.66 2.98
CA PRO A 62 27.19 -7.45 2.37
C PRO A 62 26.70 -7.32 0.92
N ASP A 63 25.92 -8.32 0.44
CA ASP A 63 25.58 -8.45 -0.99
C ASP A 63 24.45 -7.51 -1.43
N VAL A 64 23.86 -6.78 -0.46
CA VAL A 64 22.89 -5.73 -0.80
C VAL A 64 23.23 -4.54 0.06
N ASP A 65 23.38 -3.35 -0.55
CA ASP A 65 23.71 -2.15 0.15
C ASP A 65 22.52 -1.26 0.60
N VAL A 66 21.46 -1.28 -0.21
CA VAL A 66 20.27 -0.43 -0.03
C VAL A 66 19.07 -1.30 -0.26
N TYR A 67 18.13 -1.23 0.69
CA TYR A 67 16.86 -1.93 0.56
C TYR A 67 15.73 -0.90 0.58
N MET A 68 14.69 -1.18 -0.22
CA MET A 68 13.44 -0.43 -0.09
C MET A 68 12.62 -1.19 0.91
N ILE A 69 12.16 -0.53 1.97
CA ILE A 69 11.44 -1.15 3.06
C ILE A 69 10.02 -0.58 3.16
N ASP A 70 9.09 -1.43 3.56
CA ASP A 70 7.69 -1.05 3.65
C ASP A 70 7.50 -0.22 4.95
N VAL A 71 6.46 0.64 4.92
CA VAL A 71 6.10 1.52 6.05
C VAL A 71 5.92 0.75 7.33
N ILE A 72 5.44 -0.50 7.22
CA ILE A 72 5.15 -1.43 8.35
C ILE A 72 6.42 -2.10 8.91
N TRP A 73 7.59 -1.85 8.32
CA TRP A 73 8.82 -2.56 8.65
C TRP A 73 9.83 -1.93 9.62
N PRO A 74 9.86 -0.60 9.82
CA PRO A 74 10.94 -0.08 10.69
C PRO A 74 11.15 -0.79 12.03
N GLY A 75 10.10 -1.11 12.73
CA GLY A 75 10.25 -1.83 14.02
C GLY A 75 10.84 -3.20 13.89
N ILE A 76 10.63 -3.86 12.79
CA ILE A 76 11.17 -5.19 12.51
C ILE A 76 12.64 -5.02 12.07
N VAL A 77 12.93 -4.08 11.19
CA VAL A 77 14.24 -4.05 10.49
C VAL A 77 15.32 -3.21 11.12
N ALA A 78 14.97 -2.45 12.16
CA ALA A 78 15.88 -1.50 12.76
C ALA A 78 17.33 -2.01 13.03
N PRO A 79 17.48 -3.22 13.56
CA PRO A 79 18.86 -3.63 13.80
C PRO A 79 19.69 -3.81 12.55
N HIS A 80 19.02 -3.96 11.41
CA HIS A 80 19.69 -4.19 10.10
C HIS A 80 19.93 -2.89 9.31
N ALA A 81 19.56 -1.75 9.92
CA ALA A 81 19.62 -0.45 9.29
C ALA A 81 20.76 0.36 9.85
N LEU A 82 21.48 1.05 8.96
CA LEU A 82 22.42 2.08 9.39
C LEU A 82 21.62 3.30 9.86
N ASP A 83 21.94 3.86 11.00
CA ASP A 83 21.26 5.11 11.42
C ASP A 83 21.62 6.23 10.45
N LEU A 84 20.59 6.81 9.82
CA LEU A 84 20.78 7.87 8.87
C LEU A 84 20.80 9.22 9.54
N LYS A 85 20.47 9.30 10.79
CA LYS A 85 20.35 10.65 11.43
C LYS A 85 21.58 11.47 11.29
N PRO A 86 22.78 10.88 11.47
CA PRO A 86 23.98 11.73 11.40
C PRO A 86 24.28 12.24 10.00
N TYR A 87 23.62 11.69 8.99
CA TYR A 87 23.88 12.06 7.62
C TYR A 87 22.95 13.17 7.05
N LEU A 88 21.93 13.55 7.78
CA LEU A 88 20.99 14.56 7.33
C LEU A 88 20.95 15.73 8.32
N THR A 89 20.85 16.95 7.79
CA THR A 89 20.60 18.07 8.64
C THR A 89 19.16 18.08 8.99
N GLU A 90 18.84 18.84 10.02
CA GLU A 90 17.49 18.97 10.51
C GLU A 90 16.70 19.60 9.39
N ALA A 91 17.30 20.53 8.65
CA ALA A 91 16.58 21.17 7.55
C ALA A 91 16.18 20.14 6.45
N GLU A 92 17.14 19.33 6.06
CA GLU A 92 16.94 18.30 5.06
C GLU A 92 15.83 17.36 5.49
N LEU A 93 15.80 17.00 6.76
CA LEU A 93 14.76 16.03 7.26
C LEU A 93 13.40 16.64 7.31
N LYS A 94 13.33 17.98 7.50
CA LYS A 94 12.07 18.63 7.56
C LYS A 94 11.41 18.80 6.18
N GLU A 95 12.13 18.51 5.10
CA GLU A 95 11.55 18.53 3.76
C GLU A 95 10.55 17.33 3.54
N PHE A 96 10.62 16.37 4.41
CA PHE A 96 9.68 15.22 4.35
C PHE A 96 8.53 15.39 5.31
N PHE A 97 7.39 14.71 5.11
CA PHE A 97 6.28 14.70 6.07
C PHE A 97 6.79 14.23 7.42
N PRO A 98 6.58 15.01 8.46
CA PRO A 98 7.02 14.56 9.81
C PRO A 98 6.44 13.23 10.27
N ARG A 99 5.21 12.91 9.92
CA ARG A 99 4.57 11.64 10.36
C ARG A 99 5.45 10.49 9.82
N ILE A 100 5.98 10.62 8.64
CA ILE A 100 6.65 9.45 8.00
C ILE A 100 8.07 9.36 8.58
N VAL A 101 8.70 10.50 8.78
CA VAL A 101 10.04 10.50 9.44
C VAL A 101 9.88 9.85 10.84
N GLN A 102 8.82 10.22 11.58
CA GLN A 102 8.56 9.64 12.93
C GLN A 102 8.37 8.14 12.82
N ASN A 103 7.60 7.72 11.80
CA ASN A 103 7.36 6.30 11.55
C ASN A 103 8.66 5.54 11.43
N ASN A 104 9.59 6.14 10.71
CA ASN A 104 10.87 5.53 10.30
C ASN A 104 11.88 5.61 11.42
N THR A 105 11.55 6.32 12.48
CA THR A 105 12.50 6.51 13.60
C THR A 105 12.12 5.58 14.76
N ILE A 106 13.05 4.65 15.10
CA ILE A 106 12.80 3.64 16.10
C ILE A 106 13.95 3.79 17.20
N ARG A 107 13.46 4.09 18.38
CA ARG A 107 14.34 4.28 19.56
C ARG A 107 15.38 5.30 19.16
N GLY A 108 14.92 6.39 18.50
CA GLY A 108 15.85 7.41 18.03
C GLY A 108 16.71 7.19 16.82
N LYS A 109 16.76 5.97 16.25
CA LYS A 109 17.52 5.61 15.06
C LYS A 109 16.65 5.97 13.84
N LEU A 110 17.13 6.81 12.98
CA LEU A 110 16.45 7.04 11.68
C LEU A 110 16.78 5.85 10.75
N THR A 111 15.80 4.92 10.65
CA THR A 111 16.09 3.68 9.93
C THR A 111 16.17 3.85 8.46
N SER A 112 15.55 4.91 7.90
CA SER A 112 15.26 4.94 6.49
C SER A 112 14.67 6.32 6.10
N LEU A 113 14.96 6.74 4.91
CA LEU A 113 14.36 7.98 4.40
C LEU A 113 13.04 7.69 3.76
N PRO A 114 12.05 8.57 3.97
CA PRO A 114 10.79 8.45 3.22
C PRO A 114 10.99 8.55 1.72
N PHE A 115 10.37 7.65 0.95
CA PHE A 115 10.53 7.62 -0.48
C PHE A 115 9.23 7.95 -1.17
N PHE A 116 8.23 7.09 -1.10
CA PHE A 116 6.84 7.42 -1.54
C PHE A 116 5.90 6.95 -0.51
N THR A 117 4.76 7.63 -0.37
CA THR A 117 3.72 7.22 0.55
C THR A 117 2.63 6.48 -0.27
N ASP A 118 1.52 6.12 0.34
CA ASP A 118 0.51 5.32 -0.32
C ASP A 118 -0.72 5.35 0.53
N ALA A 119 -1.88 5.23 -0.08
CA ALA A 119 -3.16 5.20 0.61
C ALA A 119 -4.15 4.44 -0.32
N GLY A 120 -5.01 3.62 0.30
CA GLY A 120 -6.04 2.91 -0.44
C GLY A 120 -7.10 3.89 -0.94
N ILE A 121 -7.49 3.78 -2.20
CA ILE A 121 -8.49 4.65 -2.79
C ILE A 121 -9.48 3.84 -3.63
N LEU A 122 -10.63 4.45 -3.95
CA LEU A 122 -11.61 3.92 -4.90
C LEU A 122 -11.40 4.42 -6.29
N TYR A 123 -11.20 3.47 -7.21
CA TYR A 123 -11.22 3.68 -8.66
C TYR A 123 -12.61 3.38 -9.16
N TYR A 124 -13.12 4.24 -10.07
CA TYR A 124 -14.47 4.03 -10.62
C TYR A 124 -14.54 4.38 -12.06
N ARG A 125 -15.31 3.60 -12.79
CA ARG A 125 -15.55 3.87 -14.20
C ARG A 125 -16.63 4.98 -14.40
N LYS A 126 -16.18 6.18 -14.73
CA LYS A 126 -17.07 7.32 -14.93
C LYS A 126 -18.03 7.09 -16.07
N ASP A 127 -17.55 6.48 -17.15
CA ASP A 127 -18.40 6.21 -18.33
C ASP A 127 -19.54 5.34 -17.94
N LEU A 128 -19.26 4.30 -17.11
CA LEU A 128 -20.32 3.42 -16.74
C LEU A 128 -21.29 4.03 -15.73
N LEU A 129 -20.79 4.85 -14.79
CA LEU A 129 -21.67 5.51 -13.86
C LEU A 129 -22.67 6.36 -14.71
N GLU A 130 -22.14 7.07 -15.68
CA GLU A 130 -22.99 7.97 -16.52
C GLU A 130 -24.01 7.11 -17.31
N LYS A 131 -23.56 6.03 -17.91
CA LYS A 131 -24.42 5.14 -18.65
C LYS A 131 -25.60 4.64 -17.85
N TYR A 132 -25.45 4.41 -16.54
CA TYR A 132 -26.46 3.83 -15.69
C TYR A 132 -27.16 4.86 -14.77
N GLY A 133 -26.95 6.12 -15.07
CA GLY A 133 -27.70 7.20 -14.45
C GLY A 133 -27.19 7.70 -13.12
N TYR A 134 -25.93 7.41 -12.77
CA TYR A 134 -25.34 7.86 -11.57
C TYR A 134 -24.42 9.05 -11.81
N THR A 135 -24.48 10.03 -10.94
CA THR A 135 -23.72 11.25 -11.14
C THR A 135 -22.47 11.40 -10.29
N SER A 136 -22.38 10.62 -9.24
CA SER A 136 -21.28 10.69 -8.26
C SER A 136 -20.89 9.25 -7.93
N PRO A 137 -19.60 9.06 -7.62
CA PRO A 137 -19.27 7.73 -7.08
C PRO A 137 -19.88 7.45 -5.75
N PRO A 138 -19.93 6.20 -5.31
CA PRO A 138 -20.61 5.89 -4.08
C PRO A 138 -19.93 6.40 -2.83
N ARG A 139 -20.71 6.91 -1.87
CA ARG A 139 -20.16 7.37 -0.60
C ARG A 139 -20.31 6.36 0.50
N THR A 140 -21.25 5.42 0.36
CA THR A 140 -21.45 4.39 1.31
C THR A 140 -21.27 3.01 0.67
N TRP A 141 -20.95 2.04 1.50
CA TRP A 141 -20.80 0.66 1.01
C TRP A 141 -22.11 0.12 0.42
N ASN A 142 -23.22 0.48 1.04
CA ASN A 142 -24.50 0.06 0.44
C ASN A 142 -24.65 0.65 -0.96
N GLU A 143 -24.30 1.93 -1.18
CA GLU A 143 -24.39 2.53 -2.47
C GLU A 143 -23.50 1.80 -3.45
N LEU A 144 -22.27 1.47 -2.99
CA LEU A 144 -21.40 0.78 -3.90
C LEU A 144 -21.99 -0.55 -4.40
N GLU A 145 -22.62 -1.26 -3.48
CA GLU A 145 -23.25 -2.54 -3.79
C GLU A 145 -24.41 -2.36 -4.74
N GLN A 146 -25.24 -1.36 -4.52
CA GLN A 146 -26.39 -1.09 -5.40
C GLN A 146 -25.97 -0.74 -6.80
N MET A 147 -24.96 0.14 -6.93
CA MET A 147 -24.41 0.52 -8.23
C MET A 147 -23.81 -0.68 -8.93
N ALA A 148 -23.01 -1.45 -8.18
CA ALA A 148 -22.36 -2.61 -8.74
C ALA A 148 -23.37 -3.61 -9.30
N GLU A 149 -24.39 -3.87 -8.54
CA GLU A 149 -25.45 -4.85 -8.97
C GLU A 149 -26.10 -4.35 -10.24
N ARG A 150 -26.44 -3.06 -10.29
CA ARG A 150 -27.17 -2.55 -11.46
C ARG A 150 -26.30 -2.56 -12.72
N VAL A 151 -25.05 -2.05 -12.61
CA VAL A 151 -24.17 -1.99 -13.75
C VAL A 151 -23.79 -3.39 -14.20
N MET A 152 -23.50 -4.29 -13.27
CA MET A 152 -23.18 -5.67 -13.66
C MET A 152 -24.31 -6.33 -14.45
N GLU A 153 -25.52 -6.21 -13.93
CA GLU A 153 -26.72 -6.81 -14.60
C GLU A 153 -26.71 -6.32 -16.06
N GLY A 154 -26.52 -5.02 -16.24
CA GLY A 154 -26.59 -4.42 -17.58
C GLY A 154 -25.46 -4.81 -18.49
N GLU A 155 -24.24 -4.85 -17.96
CA GLU A 155 -23.10 -5.19 -18.78
C GLU A 155 -23.07 -6.66 -19.15
N ARG A 156 -23.50 -7.54 -18.24
CA ARG A 156 -23.60 -8.97 -18.49
C ARG A 156 -24.65 -9.19 -19.58
N ARG A 157 -25.75 -8.49 -19.44
CA ARG A 157 -26.84 -8.62 -20.43
C ARG A 157 -26.37 -8.18 -21.82
N ALA A 158 -25.53 -7.14 -21.89
CA ALA A 158 -24.95 -6.66 -23.11
C ALA A 158 -23.88 -7.56 -23.69
N GLY A 159 -23.51 -8.62 -23.00
CA GLY A 159 -22.58 -9.59 -23.51
C GLY A 159 -21.18 -9.61 -22.94
N ASN A 160 -20.87 -8.81 -21.90
CA ASN A 160 -19.54 -8.92 -21.40
C ASN A 160 -19.52 -9.95 -20.29
N ARG A 161 -19.15 -11.19 -20.61
CA ARG A 161 -19.19 -12.21 -19.57
C ARG A 161 -18.04 -12.05 -18.54
N ASP A 162 -17.09 -11.17 -18.83
CA ASP A 162 -15.95 -10.98 -17.99
C ASP A 162 -16.23 -9.87 -16.93
N PHE A 163 -17.39 -9.22 -17.01
CA PHE A 163 -17.65 -7.99 -16.19
C PHE A 163 -18.08 -8.29 -14.75
N TRP A 164 -17.42 -7.59 -13.80
CA TRP A 164 -17.76 -7.56 -12.41
C TRP A 164 -17.97 -6.15 -11.88
N GLY A 165 -18.62 -6.07 -10.73
CA GLY A 165 -18.86 -4.79 -10.08
C GLY A 165 -17.69 -4.28 -9.28
N PHE A 166 -16.90 -5.15 -8.69
CA PHE A 166 -15.85 -4.69 -7.73
C PHE A 166 -14.73 -5.65 -7.65
N VAL A 167 -13.48 -5.17 -7.68
CA VAL A 167 -12.31 -6.01 -7.45
C VAL A 167 -11.45 -5.37 -6.37
N PHE A 168 -10.74 -6.18 -5.64
CA PHE A 168 -9.96 -5.71 -4.48
C PHE A 168 -8.96 -6.80 -4.19
N GLN A 169 -8.15 -6.64 -3.10
CA GLN A 169 -7.15 -7.62 -2.75
C GLN A 169 -7.65 -8.57 -1.68
N GLY A 170 -8.08 -9.78 -2.08
CA GLY A 170 -8.61 -10.80 -1.16
C GLY A 170 -7.71 -11.98 -0.88
N LYS A 171 -6.50 -11.99 -1.49
CA LYS A 171 -5.52 -13.03 -1.26
C LYS A 171 -5.06 -13.05 0.18
N PRO A 172 -4.66 -14.19 0.75
CA PRO A 172 -4.17 -14.20 2.12
C PRO A 172 -2.73 -13.78 2.16
N TYR A 173 -2.53 -12.45 2.33
CA TYR A 173 -1.20 -11.80 2.37
C TYR A 173 -1.39 -10.38 2.93
N GLU A 174 -0.33 -9.62 2.99
CA GLU A 174 -0.37 -8.32 3.67
C GLU A 174 -1.38 -7.39 3.01
N GLY A 175 -1.60 -7.47 1.69
CA GLY A 175 -2.57 -6.61 1.08
C GLY A 175 -3.98 -6.76 1.59
N LEU A 176 -4.34 -7.98 2.04
CA LEU A 176 -5.66 -8.20 2.64
C LEU A 176 -5.73 -7.52 4.00
N THR A 177 -4.65 -7.52 4.75
CA THR A 177 -4.65 -6.75 6.04
C THR A 177 -4.98 -5.28 5.70
N CYS A 178 -4.41 -4.77 4.62
CA CYS A 178 -4.70 -3.38 4.19
C CYS A 178 -6.15 -3.17 3.85
N ASP A 179 -6.73 -4.09 3.03
CA ASP A 179 -8.10 -3.93 2.65
C ASP A 179 -9.03 -4.09 3.88
N ALA A 180 -8.70 -5.00 4.77
CA ALA A 180 -9.57 -5.32 5.90
C ALA A 180 -9.55 -4.21 6.94
N LEU A 181 -8.42 -3.55 7.10
CA LEU A 181 -8.35 -2.39 8.03
C LEU A 181 -9.30 -1.35 7.46
N GLU A 182 -9.28 -1.10 6.14
CA GLU A 182 -10.25 -0.16 5.57
C GLU A 182 -11.71 -0.55 5.83
N TRP A 183 -12.04 -1.83 5.63
CA TRP A 183 -13.42 -2.24 5.85
C TRP A 183 -13.75 -1.99 7.33
N ILE A 184 -12.93 -2.48 8.26
CA ILE A 184 -13.25 -2.41 9.66
C ILE A 184 -13.35 -0.97 10.14
N TYR A 185 -12.36 -0.21 9.81
CA TYR A 185 -12.29 1.24 10.27
C TYR A 185 -13.48 2.05 9.70
N SER A 186 -13.88 1.80 8.44
CA SER A 186 -14.98 2.51 7.77
C SER A 186 -16.36 2.09 8.24
N HIS A 187 -16.40 1.02 9.03
CA HIS A 187 -17.67 0.61 9.73
C HIS A 187 -17.68 1.06 11.18
N GLY A 188 -16.71 1.88 11.58
CA GLY A 188 -16.64 2.27 12.98
C GLY A 188 -16.13 1.23 13.94
N GLY A 189 -15.42 0.24 13.41
CA GLY A 189 -14.97 -0.91 14.08
C GLY A 189 -13.59 -0.80 14.68
N GLY A 190 -12.92 0.34 14.53
CA GLY A 190 -11.57 0.51 15.08
C GLY A 190 -10.41 0.13 14.21
N ARG A 191 -9.26 0.04 14.86
CA ARG A 191 -7.95 -0.08 14.15
C ARG A 191 -7.33 -1.51 14.28
N ILE A 192 -8.16 -2.43 14.75
CA ILE A 192 -7.77 -3.83 15.02
C ILE A 192 -6.99 -3.97 16.32
N VAL A 193 -5.81 -3.35 16.38
CA VAL A 193 -5.09 -3.11 17.61
C VAL A 193 -4.87 -1.60 17.65
N GLU A 194 -5.39 -1.00 18.73
CA GLU A 194 -5.28 0.46 18.84
C GLU A 194 -3.84 0.87 19.15
N PRO A 195 -3.50 2.14 18.89
CA PRO A 195 -2.17 2.59 19.19
C PRO A 195 -1.73 2.40 20.66
N ASP A 196 -2.69 2.42 21.58
CA ASP A 196 -2.42 2.24 22.98
C ASP A 196 -2.21 0.80 23.42
N GLY A 197 -2.38 -0.13 22.49
CA GLY A 197 -2.24 -1.55 22.73
C GLY A 197 -3.51 -2.36 22.86
N THR A 198 -4.65 -1.67 23.03
CA THR A 198 -5.91 -2.36 23.20
C THR A 198 -6.22 -3.15 21.91
N ILE A 199 -6.44 -4.43 22.07
CA ILE A 199 -6.90 -5.28 20.96
C ILE A 199 -8.43 -5.12 20.88
N SER A 200 -8.90 -4.31 19.93
CA SER A 200 -10.30 -3.85 19.89
C SER A 200 -11.20 -4.58 18.90
N VAL A 201 -10.60 -5.45 18.07
CA VAL A 201 -11.29 -6.01 16.90
C VAL A 201 -12.57 -6.81 17.21
N ASN A 202 -12.66 -7.40 18.44
CA ASN A 202 -13.85 -8.21 18.75
C ASN A 202 -15.01 -7.27 19.08
N ASN A 203 -15.68 -6.78 18.07
CA ASN A 203 -16.83 -5.93 18.22
C ASN A 203 -17.72 -6.12 17.01
N GLY A 204 -18.98 -5.77 17.19
CA GLY A 204 -19.98 -6.00 16.14
C GLY A 204 -19.82 -5.23 14.86
N ARG A 205 -19.15 -4.08 14.92
CA ARG A 205 -18.94 -3.27 13.76
C ARG A 205 -17.86 -3.91 12.88
N ALA A 206 -16.81 -4.41 13.51
CA ALA A 206 -15.78 -5.15 12.77
C ALA A 206 -16.35 -6.43 12.19
N ALA A 207 -17.15 -7.12 13.00
CA ALA A 207 -17.74 -8.35 12.44
C ALA A 207 -18.66 -8.03 11.25
N LEU A 208 -19.45 -6.97 11.28
CA LEU A 208 -20.31 -6.56 10.19
C LEU A 208 -19.46 -6.26 8.95
N ALA A 209 -18.35 -5.55 9.17
CA ALA A 209 -17.50 -5.17 8.03
C ALA A 209 -17.03 -6.43 7.29
N LEU A 210 -16.62 -7.42 8.04
CA LEU A 210 -16.13 -8.65 7.43
C LEU A 210 -17.29 -9.49 6.77
N ASN A 211 -18.44 -9.57 7.43
CA ASN A 211 -19.61 -10.19 6.75
C ASN A 211 -20.00 -9.47 5.48
N ARG A 212 -19.91 -8.15 5.47
CA ARG A 212 -20.23 -7.40 4.29
C ARG A 212 -19.26 -7.84 3.17
N ALA A 213 -17.97 -7.94 3.47
CA ALA A 213 -16.99 -8.27 2.43
C ALA A 213 -17.23 -9.69 1.89
N HIS A 214 -17.54 -10.58 2.78
CA HIS A 214 -17.93 -11.97 2.35
C HIS A 214 -19.08 -11.90 1.35
N GLY A 215 -20.04 -11.03 1.62
CA GLY A 215 -21.20 -10.85 0.72
C GLY A 215 -20.89 -10.41 -0.66
N TRP A 216 -19.70 -9.87 -0.90
CA TRP A 216 -19.31 -9.49 -2.21
C TRP A 216 -18.82 -10.71 -3.04
N VAL A 217 -18.27 -11.72 -2.37
CA VAL A 217 -17.46 -12.69 -3.07
C VAL A 217 -18.38 -13.60 -3.89
N GLY A 218 -18.08 -13.64 -5.17
CA GLY A 218 -18.86 -14.41 -6.15
C GLY A 218 -20.16 -13.77 -6.50
N ARG A 219 -20.37 -12.52 -6.08
CA ARG A 219 -21.61 -11.82 -6.30
C ARG A 219 -21.34 -10.56 -7.05
N ILE A 220 -20.85 -9.48 -6.41
CA ILE A 220 -20.34 -8.37 -7.18
C ILE A 220 -18.83 -8.41 -7.49
N ALA A 221 -18.13 -9.27 -6.76
CA ALA A 221 -16.71 -9.52 -7.01
C ALA A 221 -16.52 -10.97 -7.44
N PRO A 222 -15.49 -11.24 -8.25
CA PRO A 222 -15.28 -12.62 -8.72
C PRO A 222 -15.02 -13.56 -7.61
N GLN A 223 -15.39 -14.82 -7.76
CA GLN A 223 -15.03 -15.82 -6.78
C GLN A 223 -13.51 -15.86 -6.53
N GLY A 224 -12.77 -15.62 -7.61
CA GLY A 224 -11.33 -15.66 -7.52
C GLY A 224 -10.71 -14.48 -6.81
N VAL A 225 -11.53 -13.53 -6.35
CA VAL A 225 -10.98 -12.33 -5.61
C VAL A 225 -10.23 -12.80 -4.35
N THR A 226 -10.55 -13.98 -3.80
CA THR A 226 -9.85 -14.52 -2.68
C THR A 226 -8.43 -14.99 -2.95
N SER A 227 -7.99 -14.86 -4.22
CA SER A 227 -6.62 -15.05 -4.60
CA SER A 227 -6.62 -15.04 -4.60
C SER A 227 -5.94 -13.80 -5.21
N TYR A 228 -6.63 -12.65 -5.21
CA TYR A 228 -6.12 -11.46 -5.88
C TYR A 228 -5.21 -10.61 -4.99
N ALA A 229 -4.03 -10.28 -5.48
CA ALA A 229 -3.22 -9.19 -4.93
C ALA A 229 -3.45 -7.94 -5.80
N GLU A 230 -2.60 -6.94 -5.65
CA GLU A 230 -2.74 -5.68 -6.33
C GLU A 230 -2.90 -5.90 -7.82
N GLU A 231 -2.00 -6.69 -8.41
CA GLU A 231 -1.95 -6.77 -9.83
C GLU A 231 -3.12 -7.60 -10.44
N GLU A 232 -3.59 -8.62 -9.73
CA GLU A 232 -4.73 -9.37 -10.21
C GLU A 232 -5.94 -8.54 -10.28
N ALA A 233 -6.19 -7.76 -9.21
CA ALA A 233 -7.28 -6.81 -9.26
C ALA A 233 -7.10 -5.77 -10.38
N ARG A 234 -5.90 -5.21 -10.48
CA ARG A 234 -5.66 -4.18 -11.50
C ARG A 234 -5.90 -4.74 -12.93
N ASN A 235 -5.53 -6.00 -13.19
CA ASN A 235 -5.69 -6.58 -14.56
C ASN A 235 -7.18 -6.68 -14.96
N VAL A 236 -8.09 -7.07 -14.08
CA VAL A 236 -9.50 -7.15 -14.39
C VAL A 236 -10.01 -5.77 -14.66
N TRP A 237 -9.69 -4.86 -13.75
CA TRP A 237 -10.04 -3.45 -13.88
C TRP A 237 -9.51 -2.81 -15.16
N GLN A 238 -8.24 -3.04 -15.46
CA GLN A 238 -7.60 -2.33 -16.57
C GLN A 238 -8.07 -2.83 -17.95
N GLN A 239 -8.49 -4.08 -18.01
CA GLN A 239 -9.09 -4.63 -19.23
C GLN A 239 -10.50 -4.09 -19.47
N GLY A 240 -11.02 -3.35 -18.50
CA GLY A 240 -12.36 -2.83 -18.59
C GLY A 240 -13.47 -3.62 -17.97
N ASN A 241 -13.11 -4.58 -17.13
CA ASN A 241 -14.03 -5.54 -16.60
C ASN A 241 -14.42 -5.33 -15.15
N SER A 242 -14.28 -4.12 -14.59
CA SER A 242 -14.83 -3.91 -13.27
C SER A 242 -15.32 -2.47 -13.09
N LEU A 243 -16.50 -2.29 -12.51
CA LEU A 243 -17.03 -0.94 -12.30
C LEU A 243 -16.12 -0.21 -11.31
N PHE A 244 -15.77 -0.91 -10.27
CA PHE A 244 -15.01 -0.34 -9.12
C PHE A 244 -13.77 -1.19 -8.83
N MET A 245 -12.76 -0.52 -8.31
CA MET A 245 -11.60 -1.24 -7.76
C MET A 245 -11.08 -0.51 -6.54
N ARG A 246 -10.70 -1.26 -5.51
CA ARG A 246 -9.90 -0.67 -4.45
C ARG A 246 -8.42 -0.97 -4.78
N ASN A 247 -7.57 0.07 -4.80
CA ASN A 247 -6.15 -0.15 -5.03
C ASN A 247 -5.41 1.13 -4.63
N TRP A 248 -4.11 1.12 -4.83
CA TRP A 248 -3.20 2.20 -4.48
C TRP A 248 -3.11 3.13 -5.72
N PRO A 249 -2.58 4.37 -5.53
CA PRO A 249 -2.35 5.35 -6.60
C PRO A 249 -1.59 4.90 -7.83
N TYR A 250 -0.66 3.95 -7.72
CA TYR A 250 0.09 3.52 -8.90
C TYR A 250 -0.77 3.07 -10.07
N ALA A 251 -1.97 2.55 -9.80
CA ALA A 251 -2.79 2.02 -10.86
C ALA A 251 -3.30 3.12 -11.77
N TYR A 252 -3.29 4.38 -11.32
CA TYR A 252 -3.85 5.46 -12.14
C TYR A 252 -3.01 5.66 -13.39
N ALA A 253 -1.73 5.89 -13.23
CA ALA A 253 -0.88 6.12 -14.44
C ALA A 253 -0.91 4.94 -15.41
N LEU A 254 -0.99 3.70 -14.86
CA LEU A 254 -1.04 2.53 -15.70
C LEU A 254 -2.34 2.47 -16.51
N GLY A 255 -3.44 2.88 -15.90
CA GLY A 255 -4.73 2.91 -16.56
C GLY A 255 -4.81 4.00 -17.58
N GLN A 256 -3.98 5.01 -17.47
CA GLN A 256 -4.01 6.12 -18.45
C GLN A 256 -3.01 5.92 -19.56
N ALA A 257 -2.20 4.88 -19.51
CA ALA A 257 -1.19 4.68 -20.55
C ALA A 257 -1.86 4.41 -21.93
N GLU A 258 -1.12 4.78 -22.99
CA GLU A 258 -1.65 4.56 -24.33
C GLU A 258 -1.83 3.08 -24.49
N GLY A 259 -2.93 2.69 -25.08
CA GLY A 259 -3.19 1.24 -25.17
C GLY A 259 -3.96 0.65 -24.01
N SER A 260 -4.13 1.40 -22.92
CA SER A 260 -5.03 0.93 -21.91
C SER A 260 -6.46 1.06 -22.38
N PRO A 261 -7.25 -0.02 -22.29
CA PRO A 261 -8.64 -0.03 -22.62
C PRO A 261 -9.51 0.95 -21.84
N ILE A 262 -9.02 1.40 -20.69
CA ILE A 262 -9.80 2.28 -19.85
C ILE A 262 -9.27 3.72 -19.80
N ARG A 263 -8.26 4.07 -20.61
CA ARG A 263 -7.75 5.42 -20.66
C ARG A 263 -8.85 6.43 -20.79
N GLY A 264 -8.83 7.42 -19.91
CA GLY A 264 -9.84 8.45 -19.98
C GLY A 264 -11.21 8.13 -19.44
N LYS A 265 -11.44 6.91 -18.92
CA LYS A 265 -12.74 6.48 -18.52
C LYS A 265 -12.96 6.37 -17.01
N PHE A 266 -12.00 6.83 -16.20
CA PHE A 266 -12.12 6.61 -14.77
C PHE A 266 -11.69 7.77 -13.91
N GLY A 267 -12.16 7.75 -12.69
CA GLY A 267 -11.71 8.66 -11.66
C GLY A 267 -11.33 7.91 -10.40
N VAL A 268 -10.93 8.69 -9.42
CA VAL A 268 -10.66 8.14 -8.07
C VAL A 268 -11.27 9.01 -7.02
N THR A 269 -11.57 8.40 -5.91
CA THR A 269 -12.14 9.09 -4.76
C THR A 269 -11.85 8.35 -3.51
N VAL A 270 -12.20 8.85 -2.32
CA VAL A 270 -12.05 8.14 -1.08
C VAL A 270 -12.93 6.84 -1.11
N LEU A 271 -12.48 5.79 -0.45
CA LEU A 271 -13.27 4.59 -0.29
C LEU A 271 -14.58 4.93 0.40
N PRO A 272 -15.62 4.17 0.13
CA PRO A 272 -16.89 4.37 0.87
C PRO A 272 -16.81 4.00 2.32
N LYS A 273 -17.86 4.35 3.08
CA LYS A 273 -17.90 3.99 4.48
C LYS A 273 -19.33 3.58 4.85
N ALA A 274 -19.51 3.09 6.05
CA ALA A 274 -20.79 2.46 6.36
C ALA A 274 -21.86 3.47 6.50
N SER A 275 -21.54 4.62 7.04
CA SER A 275 -22.51 5.72 7.20
C SER A 275 -21.79 7.03 7.31
N ALA A 276 -22.55 8.15 7.23
CA ALA A 276 -21.89 9.46 7.18
C ALA A 276 -21.04 9.81 8.40
N ASP A 277 -21.33 9.25 9.58
CA ASP A 277 -20.50 9.54 10.71
C ASP A 277 -19.37 8.59 10.98
N ALA A 278 -19.19 7.57 10.12
CA ALA A 278 -18.00 6.71 10.21
C ALA A 278 -16.81 7.46 9.72
N PRO A 279 -15.62 7.06 10.11
CA PRO A 279 -14.43 7.77 9.61
C PRO A 279 -14.12 7.28 8.19
N ASN A 280 -13.61 8.17 7.36
CA ASN A 280 -13.04 7.74 6.09
C ASN A 280 -11.89 6.81 6.39
N ALA A 281 -11.77 5.76 5.52
CA ALA A 281 -10.66 4.83 5.68
C ALA A 281 -9.82 4.76 4.41
N ALA A 282 -8.51 4.97 4.59
CA ALA A 282 -7.52 4.74 3.50
C ALA A 282 -6.30 4.23 4.27
N THR A 283 -5.94 2.98 4.02
CA THR A 283 -4.80 2.39 4.75
C THR A 283 -3.53 3.05 4.31
N LEU A 284 -2.69 3.49 5.28
CA LEU A 284 -1.39 4.03 5.01
C LEU A 284 -0.46 2.94 4.48
N GLY A 285 0.14 3.21 3.35
CA GLY A 285 1.22 2.39 2.83
C GLY A 285 2.44 3.18 2.51
N GLY A 286 3.34 2.58 1.72
CA GLY A 286 4.46 3.29 1.14
C GLY A 286 5.82 2.69 1.47
N ALA A 287 6.83 3.33 0.93
CA ALA A 287 8.18 2.81 0.92
C ALA A 287 9.17 3.80 1.47
N GLN A 288 10.16 3.21 2.14
CA GLN A 288 11.31 3.96 2.70
C GLN A 288 12.60 3.35 2.12
N LEU A 289 13.69 4.12 2.28
CA LEU A 289 14.98 3.67 1.74
C LEU A 289 15.98 3.48 2.88
N MET A 290 16.46 2.22 3.06
CA MET A 290 17.36 1.86 4.15
C MET A 290 18.76 1.55 3.58
N VAL A 291 19.77 2.02 4.29
CA VAL A 291 21.16 1.56 4.04
C VAL A 291 21.38 0.39 4.93
N SER A 292 21.86 -0.71 4.37
CA SER A 292 22.17 -1.84 5.17
C SER A 292 23.28 -1.59 6.23
N ALA A 293 23.03 -2.05 7.46
CA ALA A 293 24.03 -2.09 8.54
C ALA A 293 25.19 -2.97 8.11
N TYR A 294 24.98 -3.83 7.08
CA TYR A 294 25.99 -4.77 6.59
C TYR A 294 26.70 -4.30 5.32
N SER A 295 26.31 -3.14 4.79
CA SER A 295 26.97 -2.60 3.60
C SER A 295 28.42 -2.21 3.91
N ARG A 296 29.29 -2.67 3.03
CA ARG A 296 30.68 -2.24 3.09
C ARG A 296 30.92 -0.79 2.62
N TYR A 297 29.92 -0.16 1.99
CA TYR A 297 30.04 1.14 1.36
C TYR A 297 28.97 2.11 1.89
N PRO A 298 28.95 2.39 3.19
CA PRO A 298 27.84 3.24 3.74
C PRO A 298 27.79 4.63 3.17
N LYS A 299 28.93 5.27 2.97
CA LYS A 299 28.95 6.64 2.41
C LYS A 299 28.29 6.67 1.02
N GLU A 300 28.68 5.78 0.15
CA GLU A 300 28.13 5.72 -1.16
C GLU A 300 26.64 5.36 -1.15
N ALA A 301 26.31 4.40 -0.30
CA ALA A 301 24.91 3.98 -0.19
C ALA A 301 24.04 5.12 0.29
N VAL A 302 24.49 5.83 1.31
CA VAL A 302 23.75 7.03 1.75
C VAL A 302 23.60 8.01 0.62
N ASP A 303 24.63 8.25 -0.17
CA ASP A 303 24.48 9.19 -1.31
CA ASP A 303 24.49 9.18 -1.30
C ASP A 303 23.38 8.72 -2.29
N LEU A 304 23.34 7.41 -2.56
CA LEU A 304 22.31 6.89 -3.42
C LEU A 304 20.91 7.07 -2.81
N VAL A 305 20.76 6.79 -1.53
CA VAL A 305 19.46 6.94 -0.89
C VAL A 305 19.02 8.40 -0.86
N LYS A 306 19.94 9.34 -0.64
CA LYS A 306 19.56 10.77 -0.74
C LYS A 306 19.15 11.12 -2.17
N TYR A 307 19.79 10.56 -3.18
CA TYR A 307 19.35 10.84 -4.51
C TYR A 307 17.96 10.28 -4.80
N LEU A 308 17.75 9.03 -4.44
CA LEU A 308 16.44 8.44 -4.70
C LEU A 308 15.35 9.20 -4.00
N ALA A 309 15.59 9.74 -2.81
CA ALA A 309 14.57 10.45 -2.09
C ALA A 309 14.50 11.94 -2.42
N SER A 310 15.27 12.34 -3.40
CA SER A 310 15.34 13.78 -3.73
C SER A 310 14.09 14.26 -4.43
N TYR A 311 14.00 15.61 -4.51
CA TYR A 311 12.86 16.22 -5.14
C TYR A 311 12.64 15.73 -6.55
N GLU A 312 13.70 15.72 -7.38
CA GLU A 312 13.49 15.41 -8.80
CA GLU A 312 13.62 15.40 -8.76
C GLU A 312 13.18 13.94 -9.01
N VAL A 313 13.73 13.04 -8.21
CA VAL A 313 13.39 11.61 -8.40
C VAL A 313 11.96 11.36 -7.92
N GLN A 314 11.58 11.96 -6.80
CA GLN A 314 10.17 11.79 -6.35
C GLN A 314 9.21 12.40 -7.36
N LYS A 315 9.62 13.53 -7.97
CA LYS A 315 8.77 14.15 -8.97
C LYS A 315 8.55 13.20 -10.13
N ASP A 316 9.64 12.54 -10.62
CA ASP A 316 9.56 11.57 -11.72
C ASP A 316 8.62 10.43 -11.36
N ASN A 317 8.70 9.98 -10.10
CA ASN A 317 7.82 8.90 -9.59
C ASN A 317 6.37 9.38 -9.62
N ALA A 318 6.11 10.63 -9.24
CA ALA A 318 4.75 11.16 -9.26
C ALA A 318 4.20 11.30 -10.69
N VAL A 319 4.99 11.88 -11.56
CA VAL A 319 4.59 12.20 -12.90
C VAL A 319 4.40 10.95 -13.74
N ARG A 320 5.38 10.03 -13.68
CA ARG A 320 5.35 8.89 -14.59
C ARG A 320 4.62 7.66 -14.01
N LEU A 321 4.71 7.51 -12.70
CA LEU A 321 4.13 6.34 -12.02
C LEU A 321 2.95 6.63 -11.07
N SER A 322 2.53 7.90 -11.02
CA SER A 322 1.42 8.33 -10.15
C SER A 322 1.56 7.82 -8.74
N ARG A 323 2.79 7.85 -8.22
CA ARG A 323 3.02 7.42 -6.81
C ARG A 323 3.28 8.71 -5.99
N LEU A 324 2.89 8.60 -4.75
CA LEU A 324 2.68 9.79 -3.92
C LEU A 324 3.99 10.25 -3.26
N PRO A 325 4.37 11.51 -3.44
CA PRO A 325 5.55 12.01 -2.78
C PRO A 325 5.51 12.01 -1.28
N THR A 326 6.69 11.94 -0.67
CA THR A 326 6.84 12.15 0.74
C THR A 326 7.32 13.59 1.14
N ARG A 327 7.36 14.45 0.12
CA ARG A 327 7.76 15.87 0.26
C ARG A 327 6.52 16.71 0.05
N PRO A 328 6.07 17.43 1.07
CA PRO A 328 4.94 18.28 0.84
C PRO A 328 5.09 19.30 -0.26
N ALA A 329 6.28 19.75 -0.53
CA ALA A 329 6.45 20.70 -1.64
C ALA A 329 6.01 20.17 -2.98
N LEU A 330 6.09 18.84 -3.19
CA LEU A 330 5.73 18.34 -4.49
C LEU A 330 4.24 18.36 -4.75
N TYR A 331 3.42 18.51 -3.70
CA TYR A 331 1.96 18.55 -3.88
C TYR A 331 1.51 19.95 -4.37
N THR A 332 2.45 20.88 -4.42
CA THR A 332 2.19 22.20 -5.02
C THR A 332 2.91 22.41 -6.31
N ASP A 333 3.67 21.43 -6.78
CA ASP A 333 4.41 21.56 -8.03
C ASP A 333 3.51 21.49 -9.22
N ARG A 334 3.65 22.49 -10.12
CA ARG A 334 2.67 22.60 -11.18
C ARG A 334 2.57 21.39 -12.08
N ASP A 335 3.73 20.74 -12.31
CA ASP A 335 3.76 19.65 -13.27
C ASP A 335 3.18 18.36 -12.61
N VAL A 336 3.49 18.18 -11.34
CA VAL A 336 2.88 17.07 -10.60
C VAL A 336 1.35 17.18 -10.59
N LEU A 337 0.84 18.40 -10.35
CA LEU A 337 -0.60 18.59 -10.25
C LEU A 337 -1.27 18.54 -11.61
N ALA A 338 -0.63 19.05 -12.65
CA ALA A 338 -1.22 19.00 -13.99
C ALA A 338 -1.43 17.56 -14.43
N ARG A 339 -0.43 16.72 -14.11
CA ARG A 339 -0.55 15.31 -14.46
C ARG A 339 -1.53 14.55 -13.60
N ASN A 340 -1.52 14.85 -12.29
CA ASN A 340 -2.32 14.16 -11.31
C ASN A 340 -3.15 15.13 -10.47
N PRO A 341 -4.25 15.62 -11.05
CA PRO A 341 -4.98 16.66 -10.33
C PRO A 341 -5.57 16.12 -9.04
N TRP A 342 -5.88 14.84 -9.03
CA TRP A 342 -6.44 14.16 -7.90
C TRP A 342 -5.54 14.10 -6.72
N PHE A 343 -4.23 14.38 -6.90
CA PHE A 343 -3.32 14.48 -5.76
C PHE A 343 -3.77 15.62 -4.84
N ARG A 344 -4.26 16.71 -5.41
CA ARG A 344 -4.74 17.81 -4.62
C ARG A 344 -6.08 17.47 -3.98
N ASP A 345 -6.95 16.84 -4.77
CA ASP A 345 -8.31 16.55 -4.28
C ASP A 345 -8.23 15.56 -3.07
N LEU A 346 -7.31 14.58 -3.11
CA LEU A 346 -7.27 13.55 -2.11
C LEU A 346 -6.15 13.70 -1.12
N LEU A 347 -5.40 14.81 -1.16
CA LEU A 347 -4.36 15.04 -0.17
C LEU A 347 -4.87 14.89 1.30
N PRO A 348 -6.02 15.41 1.62
CA PRO A 348 -6.49 15.20 3.01
C PRO A 348 -6.78 13.73 3.35
N VAL A 349 -7.18 12.98 2.32
CA VAL A 349 -7.35 11.52 2.54
C VAL A 349 -5.99 10.87 2.80
N PHE A 350 -4.98 11.26 2.06
CA PHE A 350 -3.66 10.73 2.27
C PHE A 350 -3.08 11.15 3.62
N GLN A 351 -3.36 12.38 4.03
CA GLN A 351 -2.90 12.86 5.33
C GLN A 351 -3.63 12.16 6.50
N ASN A 352 -4.88 11.76 6.32
CA ASN A 352 -5.64 11.12 7.39
C ASN A 352 -5.63 9.58 7.24
N ALA A 353 -4.73 9.03 6.37
CA ALA A 353 -4.70 7.60 6.21
C ALA A 353 -4.54 6.90 7.55
N VAL A 354 -5.18 5.78 7.66
CA VAL A 354 -5.18 4.96 8.87
C VAL A 354 -4.06 3.96 8.82
N SER A 355 -3.23 3.92 9.86
CA SER A 355 -2.13 2.97 9.89
CA SER A 355 -2.10 2.99 9.93
C SER A 355 -2.53 1.62 10.44
N ARG A 356 -1.94 0.59 9.81
CA ARG A 356 -1.89 -0.74 10.39
C ARG A 356 -1.12 -0.71 11.70
N PRO A 357 -1.28 -1.76 12.52
CA PRO A 357 -0.76 -1.66 13.88
C PRO A 357 0.73 -2.01 13.99
N SER A 358 1.54 -1.51 13.04
CA SER A 358 2.96 -1.76 13.06
C SER A 358 3.70 -1.04 14.17
N ASP A 359 3.32 0.18 14.53
CA ASP A 359 3.97 0.83 15.66
C ASP A 359 3.75 0.06 16.95
N VAL A 360 2.53 -0.32 17.23
CA VAL A 360 2.24 -0.94 18.51
C VAL A 360 2.71 -2.39 18.58
N ALA A 361 2.69 -3.09 17.45
CA ALA A 361 3.21 -4.47 17.40
C ALA A 361 4.71 -4.57 17.22
N GLY A 362 5.34 -3.51 16.76
CA GLY A 362 6.76 -3.45 16.54
C GLY A 362 7.28 -4.63 15.79
N ALA A 363 8.30 -5.28 16.36
CA ALA A 363 8.95 -6.36 15.62
C ALA A 363 8.07 -7.61 15.50
N ARG A 364 6.93 -7.69 16.23
CA ARG A 364 5.98 -8.78 16.06
C ARG A 364 4.87 -8.45 15.02
N TYR A 365 4.99 -7.33 14.28
CA TYR A 365 3.94 -6.94 13.38
C TYR A 365 3.64 -8.02 12.34
N ASN A 366 4.65 -8.65 11.72
CA ASN A 366 4.33 -9.63 10.69
C ASN A 366 3.49 -10.82 11.24
N GLN A 367 3.76 -11.22 12.48
CA GLN A 367 2.91 -12.28 13.06
C GLN A 367 1.47 -11.82 13.27
N VAL A 368 1.31 -10.58 13.78
CA VAL A 368 -0.02 -10.02 13.96
C VAL A 368 -0.75 -9.96 12.64
N SER A 369 -0.10 -9.45 11.60
CA SER A 369 -0.73 -9.34 10.31
C SER A 369 -1.11 -10.68 9.69
N GLU A 370 -0.28 -11.69 9.84
CA GLU A 370 -0.67 -13.00 9.34
C GLU A 370 -1.91 -13.54 10.04
N ALA A 371 -2.06 -13.25 11.34
CA ALA A 371 -3.30 -13.57 11.97
C ALA A 371 -4.47 -12.84 11.45
N ILE A 372 -4.32 -11.54 11.23
CA ILE A 372 -5.38 -10.76 10.61
C ILE A 372 -5.79 -11.29 9.27
N TRP A 373 -4.82 -11.50 8.36
CA TRP A 373 -5.23 -11.85 7.00
C TRP A 373 -5.78 -13.27 6.97
N THR A 374 -5.30 -14.13 7.82
CA THR A 374 -5.91 -15.49 7.81
C THR A 374 -7.31 -15.59 8.34
N GLU A 375 -7.55 -14.84 9.42
CA GLU A 375 -8.91 -14.77 9.92
C GLU A 375 -9.90 -14.05 9.02
N VAL A 376 -9.46 -12.91 8.47
CA VAL A 376 -10.25 -12.28 7.46
C VAL A 376 -10.55 -13.18 6.22
N HIS A 377 -9.51 -13.83 5.72
CA HIS A 377 -9.71 -14.71 4.58
C HIS A 377 -10.75 -15.78 4.87
N SER A 378 -10.76 -16.31 6.10
CA SER A 378 -11.79 -17.30 6.47
C SER A 378 -13.19 -16.81 6.38
N VAL A 379 -13.42 -15.48 6.57
CA VAL A 379 -14.69 -14.92 6.33
C VAL A 379 -14.97 -14.79 4.85
N LEU A 380 -14.00 -14.29 4.09
CA LEU A 380 -14.21 -14.13 2.65
C LEU A 380 -14.62 -15.43 1.95
N THR A 381 -14.03 -16.50 2.42
CA THR A 381 -14.29 -17.84 1.81
C THR A 381 -15.57 -18.51 2.32
N GLY A 382 -16.25 -17.93 3.28
CA GLY A 382 -17.49 -18.51 3.80
C GLY A 382 -17.20 -19.58 4.83
N ARG A 383 -16.03 -19.67 5.33
CA ARG A 383 -15.66 -20.72 6.30
C ARG A 383 -16.11 -20.32 7.71
N LYS A 384 -15.91 -19.04 8.03
CA LYS A 384 -16.35 -18.44 9.32
C LYS A 384 -17.18 -17.25 9.14
N LYS A 385 -18.12 -16.99 10.03
CA LYS A 385 -18.82 -15.74 10.07
C LYS A 385 -17.90 -14.66 10.73
N GLY A 386 -18.18 -13.42 10.42
CA GLY A 386 -17.38 -12.33 10.97
C GLY A 386 -17.33 -12.35 12.50
N GLU A 387 -18.44 -12.73 13.14
CA GLU A 387 -18.51 -12.73 14.59
C GLU A 387 -17.50 -13.68 15.17
N GLN A 388 -17.45 -14.91 14.61
CA GLN A 388 -16.48 -15.86 15.08
C GLN A 388 -15.07 -15.47 14.73
N ALA A 389 -14.87 -14.93 13.53
CA ALA A 389 -13.55 -14.57 13.10
C ALA A 389 -12.93 -13.48 14.01
N VAL A 390 -13.74 -12.49 14.37
CA VAL A 390 -13.14 -11.43 15.22
C VAL A 390 -12.86 -11.86 16.63
N ARG A 391 -13.65 -12.81 17.15
CA ARG A 391 -13.38 -13.42 18.43
C ARG A 391 -12.09 -14.24 18.34
N ASP A 392 -11.98 -15.07 17.29
CA ASP A 392 -10.79 -15.85 17.12
C ASP A 392 -9.54 -15.02 16.89
N LEU A 393 -9.68 -13.93 16.12
CA LEU A 393 -8.56 -13.03 15.91
C LEU A 393 -8.11 -12.29 17.16
N GLU A 394 -9.06 -11.86 17.94
CA GLU A 394 -8.73 -11.28 19.27
C GLU A 394 -7.87 -12.25 20.03
N ALA A 395 -8.31 -13.51 20.13
CA ALA A 395 -7.54 -14.47 20.95
C ALA A 395 -6.14 -14.69 20.37
N ARG A 396 -6.07 -14.78 19.02
CA ARG A 396 -4.74 -14.95 18.40
C ARG A 396 -3.78 -13.79 18.68
N ILE A 397 -4.29 -12.59 18.44
CA ILE A 397 -3.46 -11.43 18.66
C ILE A 397 -3.04 -11.28 20.14
N ARG A 398 -3.96 -11.60 21.05
CA ARG A 398 -3.61 -11.57 22.46
C ARG A 398 -2.45 -12.50 22.74
N ARG A 399 -2.43 -13.69 22.12
CA ARG A 399 -1.31 -14.62 22.32
C ARG A 399 0.00 -14.08 21.72
N ILE A 400 -0.11 -13.52 20.51
CA ILE A 400 1.04 -12.98 19.80
C ILE A 400 1.67 -11.86 20.55
N LEU A 401 0.85 -10.96 21.15
CA LEU A 401 1.37 -9.72 21.75
C LEU A 401 1.53 -9.82 23.28
N ARG A 402 1.26 -10.98 23.84
CA ARG A 402 1.38 -11.17 25.28
C ARG A 402 2.86 -10.92 25.61
N HIS A 403 3.06 -10.08 26.56
CA HIS A 403 4.41 -9.71 27.01
C HIS A 403 5.13 -8.73 26.09
N HIS A 404 4.47 -8.28 25.03
CA HIS A 404 5.07 -7.21 24.24
C HIS A 404 4.62 -5.84 24.75
N HIS A 405 5.55 -4.93 25.02
CA HIS A 405 5.14 -3.50 25.33
C HIS A 405 5.79 -2.54 24.33
N HIS A 406 5.05 -1.52 23.84
CA HIS A 406 5.59 -0.49 22.89
C HIS A 406 6.21 0.67 23.64
#